data_1LCW
#
_entry.id   1LCW
#
_cell.length_a   47.320
_cell.length_b   95.760
_cell.length_c   105.550
_cell.angle_alpha   90.00
_cell.angle_beta   90.00
_cell.angle_gamma   90.00
#
_symmetry.space_group_name_H-M   'I 2 2 2'
#
loop_
_entity.id
_entity.type
_entity.pdbx_description
1 polymer Streptavidin
2 non-polymer HOMOBIOTIN
3 water water
#
_entity_poly.entity_id   1
_entity_poly.type   'polypeptide(L)'
_entity_poly.pdbx_seq_one_letter_code
;AGITGTWYNQLGSTFIVTAGADGALTGTYESAVGNAESRYVLTGRYDSAPATDGSGTALGWTVAWKNNYRNAHSATTWSG
QYVGGAEARINTQWLLTSGTTEANAWKSTLVGHDTFTKVKP
;
_entity_poly.pdbx_strand_id   A,B
#
# COMPACT_ATOMS: atom_id res chain seq x y z
N GLY A 2 4.23 -16.03 -11.33
CA GLY A 2 4.58 -15.08 -12.42
C GLY A 2 4.97 -13.71 -11.89
N ILE A 3 4.45 -13.35 -10.71
CA ILE A 3 4.76 -12.07 -10.10
C ILE A 3 6.19 -12.08 -9.56
N THR A 4 6.59 -13.21 -8.98
CA THR A 4 7.92 -13.35 -8.39
C THR A 4 9.01 -13.08 -9.42
N GLY A 5 9.94 -12.20 -9.07
CA GLY A 5 11.03 -11.89 -9.98
C GLY A 5 11.62 -10.51 -9.78
N THR A 6 12.34 -10.04 -10.80
CA THR A 6 12.95 -8.72 -10.78
C THR A 6 12.24 -7.89 -11.84
N TRP A 7 11.84 -6.67 -11.48
CA TRP A 7 11.13 -5.78 -12.39
C TRP A 7 11.76 -4.39 -12.39
N TYR A 8 11.46 -3.60 -13.42
CA TYR A 8 11.96 -2.22 -13.51
C TYR A 8 10.88 -1.34 -14.10
N ASN A 9 10.77 -0.10 -13.63
CA ASN A 9 9.76 0.80 -14.20
C ASN A 9 10.42 1.77 -15.16
N GLN A 10 9.62 2.66 -15.74
CA GLN A 10 10.11 3.62 -16.71
C GLN A 10 11.16 4.62 -16.19
N LEU A 11 11.33 4.69 -14.88
CA LEU A 11 12.32 5.61 -14.30
C LEU A 11 13.68 4.93 -14.09
N GLY A 12 13.70 3.61 -14.20
CA GLY A 12 14.94 2.88 -14.01
C GLY A 12 15.04 2.34 -12.59
N SER A 13 13.92 2.39 -11.85
CA SER A 13 13.88 1.89 -10.48
C SER A 13 13.81 0.36 -10.49
N THR A 14 14.27 -0.25 -9.40
CA THR A 14 14.30 -1.69 -9.29
C THR A 14 13.32 -2.23 -8.25
N PHE A 15 12.58 -3.26 -8.66
CA PHE A 15 11.57 -3.91 -7.84
C PHE A 15 11.84 -5.41 -7.83
N ILE A 16 12.28 -5.93 -6.69
CA ILE A 16 12.56 -7.36 -6.55
C ILE A 16 11.55 -7.91 -5.55
N VAL A 17 10.69 -8.82 -6.00
CA VAL A 17 9.63 -9.35 -5.13
C VAL A 17 9.44 -10.86 -5.17
N THR A 18 8.84 -11.39 -4.11
CA THR A 18 8.53 -12.81 -3.99
C THR A 18 7.06 -12.88 -3.57
N ALA A 19 6.26 -13.62 -4.32
CA ALA A 19 4.84 -13.76 -4.02
C ALA A 19 4.55 -15.05 -3.25
N GLY A 20 4.20 -14.91 -1.97
CA GLY A 20 3.89 -16.08 -1.17
C GLY A 20 2.56 -16.71 -1.51
N ALA A 21 2.40 -17.99 -1.21
CA ALA A 21 1.17 -18.73 -1.51
C ALA A 21 -0.07 -18.27 -0.74
N ASP A 22 0.14 -17.55 0.37
CA ASP A 22 -0.97 -17.06 1.18
C ASP A 22 -1.39 -15.65 0.76
N GLY A 23 -0.84 -15.19 -0.36
CA GLY A 23 -1.18 -13.85 -0.86
C GLY A 23 -0.22 -12.75 -0.44
N ALA A 24 0.86 -13.12 0.23
CA ALA A 24 1.83 -12.12 0.69
C ALA A 24 2.91 -11.75 -0.31
N LEU A 25 3.31 -10.48 -0.30
CA LEU A 25 4.38 -9.98 -1.18
C LEU A 25 5.48 -9.43 -0.27
N THR A 26 6.73 -9.80 -0.54
CA THR A 26 7.86 -9.31 0.24
C THR A 26 9.04 -9.10 -0.70
N GLY A 27 9.93 -8.19 -0.36
CA GLY A 27 11.08 -7.94 -1.22
C GLY A 27 11.74 -6.61 -0.92
N THR A 28 12.41 -6.06 -1.93
CA THR A 28 13.10 -4.79 -1.79
C THR A 28 12.88 -3.89 -3.01
N TYR A 29 12.94 -2.59 -2.77
CA TYR A 29 12.74 -1.62 -3.84
C TYR A 29 13.92 -0.67 -3.88
N GLU A 30 14.34 -0.30 -5.08
CA GLU A 30 15.43 0.66 -5.25
C GLU A 30 14.95 1.75 -6.19
N SER A 31 14.86 2.98 -5.67
CA SER A 31 14.38 4.09 -6.48
C SER A 31 15.50 4.81 -7.23
N ALA A 32 15.26 5.08 -8.51
CA ALA A 32 16.23 5.76 -9.34
C ALA A 32 16.16 7.28 -9.14
N VAL A 33 15.13 7.74 -8.43
CA VAL A 33 14.97 9.17 -8.20
C VAL A 33 14.53 9.53 -6.79
N GLY A 34 14.65 10.81 -6.45
CA GLY A 34 14.24 11.29 -5.14
C GLY A 34 15.24 11.13 -4.02
N ASN A 35 14.82 11.49 -2.81
CA ASN A 35 15.65 11.42 -1.62
C ASN A 35 15.67 9.99 -1.09
N ALA A 36 16.47 9.15 -1.73
CA ALA A 36 16.59 7.75 -1.35
C ALA A 36 17.86 7.15 -1.95
N GLU A 37 18.39 6.13 -1.28
CA GLU A 37 19.58 5.44 -1.78
C GLU A 37 19.58 4.01 -1.27
N SER A 38 20.15 3.11 -2.09
CA SER A 38 20.22 1.70 -1.75
C SER A 38 18.84 1.06 -1.72
N ARG A 39 18.72 -0.09 -1.07
CA ARG A 39 17.46 -0.82 -1.01
C ARG A 39 16.58 -0.56 0.20
N TYR A 40 15.27 -0.61 -0.03
CA TYR A 40 14.27 -0.42 1.02
C TYR A 40 13.36 -1.65 1.08
N VAL A 41 12.93 -2.00 2.28
CA VAL A 41 12.05 -3.15 2.46
C VAL A 41 10.64 -2.83 1.98
N LEU A 42 9.98 -3.81 1.37
CA LEU A 42 8.61 -3.61 0.91
C LEU A 42 7.79 -4.81 1.34
N THR A 43 6.48 -4.59 1.48
CA THR A 43 5.56 -5.65 1.87
C THR A 43 4.23 -5.30 1.22
N GLY A 44 3.49 -6.32 0.81
CA GLY A 44 2.21 -6.09 0.18
C GLY A 44 1.35 -7.34 0.16
N ARG A 45 0.30 -7.31 -0.65
CA ARG A 45 -0.63 -8.42 -0.78
C ARG A 45 -1.08 -8.50 -2.22
N TYR A 46 -1.54 -9.66 -2.66
CA TYR A 46 -2.04 -9.81 -4.01
C TYR A 46 -3.14 -10.86 -3.99
N ASP A 47 -3.91 -10.94 -5.07
CA ASP A 47 -5.00 -11.89 -5.18
C ASP A 47 -4.41 -13.23 -5.61
N SER A 48 -4.31 -14.16 -4.67
CA SER A 48 -3.73 -15.49 -4.95
C SER A 48 -4.66 -16.45 -5.66
N ALA A 49 -5.89 -16.02 -5.89
CA ALA A 49 -6.88 -16.84 -6.59
C ALA A 49 -7.64 -15.97 -7.59
N PRO A 50 -6.92 -15.37 -8.55
CA PRO A 50 -7.54 -14.50 -9.55
C PRO A 50 -8.51 -15.20 -10.51
N ALA A 51 -9.27 -14.40 -11.24
CA ALA A 51 -10.23 -14.93 -12.20
C ALA A 51 -9.49 -15.66 -13.31
N THR A 52 -10.03 -16.80 -13.73
CA THR A 52 -9.39 -17.61 -14.78
C THR A 52 -9.71 -17.09 -16.18
N ASP A 53 -10.04 -15.82 -16.28
CA ASP A 53 -10.35 -15.22 -17.58
C ASP A 53 -9.20 -14.33 -18.05
N GLY A 54 -9.52 -13.28 -18.80
CA GLY A 54 -8.48 -12.39 -19.29
C GLY A 54 -8.20 -11.22 -18.37
N SER A 55 -8.68 -11.29 -17.13
CA SER A 55 -8.48 -10.22 -16.16
C SER A 55 -7.09 -10.24 -15.50
N GLY A 56 -6.66 -9.06 -15.06
CA GLY A 56 -5.37 -8.96 -14.39
C GLY A 56 -5.47 -9.37 -12.94
N THR A 57 -4.32 -9.48 -12.27
CA THR A 57 -4.27 -9.87 -10.87
C THR A 57 -4.05 -8.62 -10.02
N ALA A 58 -5.02 -8.31 -9.16
CA ALA A 58 -4.93 -7.13 -8.33
C ALA A 58 -3.90 -7.30 -7.22
N LEU A 59 -3.10 -6.26 -7.01
CA LEU A 59 -2.08 -6.29 -5.97
C LEU A 59 -1.72 -4.89 -5.49
N GLY A 60 -0.90 -4.84 -4.44
CA GLY A 60 -0.48 -3.55 -3.90
C GLY A 60 0.66 -3.78 -2.94
N TRP A 61 1.49 -2.77 -2.74
CA TRP A 61 2.60 -2.90 -1.79
C TRP A 61 3.02 -1.54 -1.27
N THR A 62 3.69 -1.54 -0.11
CA THR A 62 4.13 -0.32 0.52
C THR A 62 5.64 -0.28 0.75
N VAL A 63 6.19 0.93 0.74
CA VAL A 63 7.60 1.17 1.01
C VAL A 63 7.66 2.42 1.88
N ALA A 64 8.26 2.33 3.06
CA ALA A 64 8.43 3.50 3.91
C ALA A 64 9.88 3.86 3.60
N TRP A 65 10.13 5.10 3.18
CA TRP A 65 11.49 5.48 2.77
C TRP A 65 12.53 5.69 3.86
N LYS A 66 12.78 4.61 4.59
CA LYS A 66 13.76 4.61 5.65
C LYS A 66 14.50 3.29 5.67
N ASN A 67 15.83 3.35 5.64
CA ASN A 67 16.66 2.17 5.74
C ASN A 67 17.83 2.52 6.67
N ASN A 68 18.89 1.72 6.67
CA ASN A 68 20.02 1.99 7.54
C ASN A 68 20.93 3.13 7.07
N TYR A 69 20.56 3.80 5.98
CA TYR A 69 21.38 4.87 5.44
C TYR A 69 20.66 6.20 5.29
N ARG A 70 19.36 6.16 5.01
CA ARG A 70 18.62 7.39 4.81
C ARG A 70 17.16 7.31 5.24
N ASN A 71 16.59 8.46 5.57
CA ASN A 71 15.19 8.53 5.99
C ASN A 71 14.55 9.77 5.39
N ALA A 72 13.59 9.56 4.48
CA ALA A 72 12.91 10.67 3.84
C ALA A 72 11.57 11.01 4.48
N HIS A 73 11.27 10.37 5.61
CA HIS A 73 10.02 10.61 6.33
C HIS A 73 8.81 10.60 5.41
N SER A 74 8.66 9.53 4.65
CA SER A 74 7.54 9.39 3.73
C SER A 74 7.28 7.93 3.44
N ALA A 75 6.17 7.66 2.77
CA ALA A 75 5.81 6.29 2.41
C ALA A 75 5.02 6.32 1.12
N THR A 76 5.32 5.36 0.24
CA THR A 76 4.62 5.25 -1.03
C THR A 76 3.85 3.94 -1.07
N THR A 77 2.67 3.95 -1.67
CA THR A 77 1.88 2.73 -1.82
C THR A 77 1.55 2.59 -3.30
N TRP A 78 1.78 1.40 -3.85
CA TRP A 78 1.48 1.14 -5.26
C TRP A 78 0.26 0.23 -5.30
N SER A 79 -0.74 0.63 -6.08
CA SER A 79 -1.94 -0.17 -6.23
C SER A 79 -2.12 -0.42 -7.73
N GLY A 80 -2.35 -1.68 -8.11
CA GLY A 80 -2.53 -1.97 -9.52
C GLY A 80 -2.82 -3.42 -9.83
N GLN A 81 -2.43 -3.85 -11.01
CA GLN A 81 -2.64 -5.22 -11.42
C GLN A 81 -1.52 -5.77 -12.26
N TYR A 82 -1.32 -7.08 -12.12
CA TYR A 82 -0.29 -7.81 -12.85
C TYR A 82 -0.96 -8.47 -14.04
N VAL A 83 -0.38 -8.30 -15.23
CA VAL A 83 -0.91 -8.90 -16.43
C VAL A 83 0.13 -9.87 -17.00
N GLY A 84 -0.16 -11.16 -16.93
CA GLY A 84 0.77 -12.17 -17.41
C GLY A 84 0.92 -12.29 -18.91
N GLY A 85 1.71 -13.28 -19.33
CA GLY A 85 1.94 -13.48 -20.74
C GLY A 85 3.43 -13.47 -21.09
N ALA A 86 3.72 -13.45 -22.38
CA ALA A 86 5.10 -13.41 -22.84
C ALA A 86 5.76 -12.17 -22.29
N GLU A 87 5.07 -11.04 -22.40
CA GLU A 87 5.57 -9.77 -21.90
C GLU A 87 4.78 -9.35 -20.66
N ALA A 88 5.18 -9.90 -19.52
CA ALA A 88 4.52 -9.63 -18.26
C ALA A 88 4.70 -8.17 -17.85
N ARG A 89 3.61 -7.55 -17.41
CA ARG A 89 3.62 -6.15 -16.99
C ARG A 89 2.85 -5.93 -15.70
N ILE A 90 3.24 -4.91 -14.95
CA ILE A 90 2.54 -4.53 -13.74
C ILE A 90 2.22 -3.05 -13.91
N ASN A 91 0.94 -2.74 -14.09
CA ASN A 91 0.52 -1.36 -14.26
C ASN A 91 0.03 -0.82 -12.93
N THR A 92 0.63 0.28 -12.47
CA THR A 92 0.26 0.84 -11.19
C THR A 92 0.01 2.33 -11.15
N GLN A 93 -0.60 2.74 -10.05
CA GLN A 93 -0.86 4.13 -9.74
C GLN A 93 -0.40 4.17 -8.29
N TRP A 94 0.24 5.26 -7.88
CA TRP A 94 0.75 5.33 -6.52
C TRP A 94 0.46 6.62 -5.77
N LEU A 95 0.55 6.53 -4.45
CA LEU A 95 0.36 7.67 -3.55
C LEU A 95 1.59 7.76 -2.65
N LEU A 96 2.26 8.90 -2.68
CA LEU A 96 3.44 9.13 -1.87
C LEU A 96 3.12 10.20 -0.82
N THR A 97 3.02 9.79 0.44
CA THR A 97 2.71 10.72 1.51
C THR A 97 3.92 11.04 2.38
N SER A 98 4.15 12.34 2.59
CA SER A 98 5.25 12.81 3.42
C SER A 98 4.71 13.24 4.78
N GLY A 99 5.54 13.12 5.81
CA GLY A 99 5.11 13.56 7.13
C GLY A 99 5.18 15.07 7.11
N THR A 100 4.14 15.74 7.59
CA THR A 100 4.12 17.20 7.59
C THR A 100 3.43 17.73 8.83
N THR A 101 3.63 19.03 9.09
CA THR A 101 2.98 19.67 10.21
C THR A 101 1.53 19.80 9.78
N GLU A 102 0.63 19.95 10.75
CA GLU A 102 -0.80 20.06 10.45
C GLU A 102 -1.13 21.17 9.45
N ALA A 103 -0.30 22.21 9.42
CA ALA A 103 -0.51 23.34 8.51
C ALA A 103 -0.20 23.01 7.05
N ASN A 104 0.79 22.16 6.83
CA ASN A 104 1.18 21.78 5.47
C ASN A 104 0.57 20.44 5.02
N ALA A 105 -0.42 19.96 5.74
CA ALA A 105 -1.05 18.69 5.42
C ALA A 105 -1.67 18.63 4.03
N TRP A 106 -2.25 19.75 3.59
CA TRP A 106 -2.92 19.76 2.28
C TRP A 106 -1.98 19.45 1.11
N LYS A 107 -0.68 19.55 1.32
CA LYS A 107 0.27 19.27 0.26
C LYS A 107 1.23 18.15 0.62
N SER A 108 0.71 17.17 1.35
CA SER A 108 1.52 16.04 1.79
C SER A 108 1.52 14.83 0.85
N THR A 109 0.55 14.76 -0.06
CA THR A 109 0.43 13.60 -0.94
C THR A 109 0.59 13.79 -2.45
N LEU A 110 1.59 13.12 -3.01
CA LEU A 110 1.84 13.17 -4.45
C LEU A 110 1.19 11.93 -5.06
N VAL A 111 0.76 12.04 -6.31
CA VAL A 111 0.11 10.94 -7.02
C VAL A 111 0.79 10.77 -8.38
N GLY A 112 0.89 9.52 -8.83
CA GLY A 112 1.52 9.23 -10.12
C GLY A 112 1.22 7.82 -10.61
N HIS A 113 1.97 7.35 -11.60
CA HIS A 113 1.74 6.02 -12.15
C HIS A 113 3.03 5.40 -12.70
N ASP A 114 3.27 4.14 -12.38
CA ASP A 114 4.45 3.43 -12.85
C ASP A 114 4.05 2.16 -13.60
N THR A 115 4.83 1.82 -14.62
CA THR A 115 4.59 0.60 -15.38
C THR A 115 5.85 -0.23 -15.23
N PHE A 116 5.70 -1.45 -14.72
CA PHE A 116 6.83 -2.33 -14.53
C PHE A 116 6.97 -3.41 -15.60
N THR A 117 8.21 -3.65 -16.02
CA THR A 117 8.52 -4.66 -17.03
C THR A 117 9.39 -5.73 -16.39
N LYS A 118 9.02 -6.99 -16.54
CA LYS A 118 9.77 -8.09 -15.94
C LYS A 118 11.04 -8.44 -16.72
N VAL A 119 12.14 -8.61 -15.99
CA VAL A 119 13.42 -8.93 -16.62
C VAL A 119 13.59 -10.43 -16.85
N LYS A 120 14.05 -10.76 -18.06
CA LYS A 120 14.28 -12.14 -18.49
C LYS A 120 13.03 -12.99 -18.27
N GLY B 2 2.25 5.11 19.15
CA GLY B 2 0.80 5.14 19.51
C GLY B 2 -0.06 4.59 18.39
N ILE B 3 0.61 4.11 17.34
CA ILE B 3 -0.08 3.56 16.18
C ILE B 3 -0.77 2.22 16.51
N THR B 4 -0.13 1.39 17.32
CA THR B 4 -0.71 0.11 17.69
C THR B 4 -2.06 0.30 18.39
N GLY B 5 -3.05 -0.50 18.01
CA GLY B 5 -4.37 -0.40 18.62
C GLY B 5 -5.48 -0.71 17.63
N THR B 6 -6.72 -0.41 18.03
CA THR B 6 -7.89 -0.63 17.19
C THR B 6 -8.44 0.72 16.74
N TRP B 7 -8.57 0.90 15.43
CA TRP B 7 -9.07 2.16 14.87
C TRP B 7 -10.32 1.98 14.03
N TYR B 8 -11.10 3.04 13.90
CA TYR B 8 -12.34 3.04 13.13
C TYR B 8 -12.35 4.24 12.18
N ASN B 9 -12.93 4.09 10.99
CA ASN B 9 -13.00 5.23 10.07
C ASN B 9 -14.43 5.77 9.96
N GLN B 10 -14.61 6.84 9.18
CA GLN B 10 -15.94 7.43 9.05
C GLN B 10 -17.02 6.50 8.52
N LEU B 11 -16.63 5.35 7.96
CA LEU B 11 -17.60 4.40 7.43
C LEU B 11 -17.95 3.30 8.42
N GLY B 12 -17.20 3.22 9.51
CA GLY B 12 -17.46 2.20 10.51
C GLY B 12 -16.52 1.00 10.37
N SER B 13 -15.65 1.04 9.38
CA SER B 13 -14.70 -0.04 9.16
C SER B 13 -13.77 -0.15 10.36
N THR B 14 -13.29 -1.36 10.63
CA THR B 14 -12.40 -1.58 11.77
C THR B 14 -11.00 -1.97 11.33
N PHE B 15 -10.03 -1.19 11.80
CA PHE B 15 -8.62 -1.37 11.47
C PHE B 15 -7.83 -1.72 12.74
N ILE B 16 -7.28 -2.93 12.78
CA ILE B 16 -6.50 -3.39 13.93
C ILE B 16 -5.06 -3.66 13.53
N VAL B 17 -4.15 -2.77 13.96
CA VAL B 17 -2.74 -2.88 13.65
C VAL B 17 -1.78 -3.02 14.81
N THR B 18 -0.62 -3.56 14.50
CA THR B 18 0.47 -3.71 15.45
C THR B 18 1.69 -3.14 14.74
N ALA B 19 2.28 -2.10 15.30
CA ALA B 19 3.46 -1.47 14.71
C ALA B 19 4.73 -2.07 15.30
N GLY B 20 5.56 -2.66 14.46
CA GLY B 20 6.81 -3.26 14.93
C GLY B 20 7.89 -2.20 15.10
N ALA B 21 8.88 -2.49 15.95
CA ALA B 21 9.96 -1.55 16.21
C ALA B 21 10.74 -1.11 14.96
N ASP B 22 10.90 -2.03 14.01
CA ASP B 22 11.63 -1.72 12.78
C ASP B 22 10.81 -1.13 11.63
N GLY B 23 9.58 -0.72 11.91
CA GLY B 23 8.76 -0.12 10.86
C GLY B 23 7.71 -0.98 10.16
N ALA B 24 7.44 -2.17 10.68
CA ALA B 24 6.45 -3.04 10.06
C ALA B 24 5.05 -2.83 10.64
N LEU B 25 4.04 -3.01 9.79
CA LEU B 25 2.65 -2.88 10.21
C LEU B 25 1.99 -4.21 9.83
N THR B 26 1.24 -4.77 10.77
CA THR B 26 0.56 -6.03 10.53
C THR B 26 -0.75 -6.02 11.30
N GLY B 27 -1.76 -6.69 10.74
CA GLY B 27 -3.04 -6.74 11.43
C GLY B 27 -4.15 -7.21 10.52
N THR B 28 -5.38 -6.81 10.82
CA THR B 28 -6.53 -7.21 10.02
C THR B 28 -7.43 -6.02 9.77
N TYR B 29 -8.20 -6.10 8.70
CA TYR B 29 -9.11 -5.03 8.33
C TYR B 29 -10.51 -5.59 8.10
N GLU B 30 -11.53 -4.87 8.55
CA GLU B 30 -12.90 -5.30 8.33
C GLU B 30 -13.67 -4.12 7.76
N SER B 31 -14.13 -4.27 6.53
CA SER B 31 -14.86 -3.19 5.88
C SER B 31 -16.35 -3.25 6.17
N ALA B 32 -16.95 -2.08 6.39
CA ALA B 32 -18.38 -1.98 6.66
C ALA B 32 -19.16 -1.83 5.36
N VAL B 33 -18.46 -1.63 4.25
CA VAL B 33 -19.10 -1.48 2.95
C VAL B 33 -18.45 -2.33 1.87
N GLY B 34 -19.16 -2.51 0.76
CA GLY B 34 -18.64 -3.28 -0.35
C GLY B 34 -18.76 -4.79 -0.27
N ASN B 35 -18.20 -5.44 -1.28
CA ASN B 35 -18.20 -6.90 -1.38
C ASN B 35 -17.12 -7.46 -0.46
N ALA B 36 -17.33 -7.27 0.84
CA ALA B 36 -16.39 -7.73 1.83
C ALA B 36 -17.15 -8.32 3.02
N GLU B 37 -16.55 -9.31 3.66
CA GLU B 37 -17.16 -9.98 4.79
C GLU B 37 -16.09 -10.50 5.75
N SER B 38 -16.26 -10.21 7.03
CA SER B 38 -15.33 -10.63 8.06
C SER B 38 -13.99 -9.90 7.96
N ARG B 39 -12.93 -10.54 8.43
CA ARG B 39 -11.60 -9.94 8.45
C ARG B 39 -10.66 -10.33 7.31
N TYR B 40 -9.81 -9.38 6.93
CA TYR B 40 -8.83 -9.56 5.88
C TYR B 40 -7.44 -9.19 6.41
N VAL B 41 -6.44 -9.94 5.98
CA VAL B 41 -5.06 -9.70 6.39
C VAL B 41 -4.51 -8.43 5.74
N LEU B 42 -3.76 -7.66 6.49
CA LEU B 42 -3.16 -6.44 5.96
C LEU B 42 -1.70 -6.40 6.36
N THR B 43 -0.88 -5.76 5.54
CA THR B 43 0.52 -5.61 5.83
C THR B 43 0.94 -4.23 5.32
N GLY B 44 1.88 -3.58 6.00
CA GLY B 44 2.34 -2.27 5.56
C GLY B 44 3.67 -1.87 6.18
N ARG B 45 3.98 -0.59 6.07
CA ARG B 45 5.23 -0.05 6.60
C ARG B 45 4.99 1.35 7.15
N TYR B 46 5.86 1.83 8.03
CA TYR B 46 5.73 3.17 8.56
C TYR B 46 7.10 3.72 8.95
N ASP B 47 7.21 5.03 9.06
CA ASP B 47 8.46 5.66 9.45
C ASP B 47 8.66 5.45 10.94
N SER B 48 9.62 4.62 11.30
CA SER B 48 9.90 4.31 12.71
C SER B 48 10.84 5.32 13.40
N ALA B 49 11.17 6.40 12.69
CA ALA B 49 12.02 7.45 13.24
C ALA B 49 11.64 8.76 12.58
N PRO B 50 10.41 9.24 12.85
CA PRO B 50 9.89 10.50 12.27
C PRO B 50 10.64 11.75 12.75
N ALA B 51 10.41 12.85 12.05
CA ALA B 51 11.03 14.14 12.35
C ALA B 51 10.75 14.62 13.77
N THR B 52 11.64 15.45 14.29
CA THR B 52 11.54 16.00 15.64
C THR B 52 10.52 17.14 15.75
N ASP B 53 10.33 17.88 14.67
CA ASP B 53 9.38 18.99 14.66
C ASP B 53 7.97 18.45 14.93
N GLY B 54 6.94 19.19 14.53
CA GLY B 54 5.60 18.72 14.77
C GLY B 54 4.99 17.84 13.68
N SER B 55 5.83 17.26 12.83
CA SER B 55 5.37 16.42 11.73
C SER B 55 4.72 15.11 12.13
N GLY B 56 3.80 14.64 11.28
CA GLY B 56 3.12 13.39 11.53
C GLY B 56 4.01 12.23 11.08
N THR B 57 3.54 11.01 11.29
CA THR B 57 4.31 9.83 10.93
C THR B 57 3.75 9.17 9.67
N ALA B 58 4.51 9.24 8.58
CA ALA B 58 4.08 8.66 7.31
C ALA B 58 3.96 7.14 7.42
N LEU B 59 2.94 6.60 6.78
CA LEU B 59 2.70 5.16 6.80
C LEU B 59 1.80 4.75 5.64
N GLY B 60 1.66 3.43 5.48
CA GLY B 60 0.81 2.91 4.43
C GLY B 60 0.66 1.42 4.60
N TRP B 61 -0.43 0.86 4.09
CA TRP B 61 -0.67 -0.57 4.17
C TRP B 61 -1.55 -1.02 3.02
N THR B 62 -1.54 -2.33 2.77
CA THR B 62 -2.31 -2.92 1.69
C THR B 62 -3.25 -4.01 2.21
N VAL B 63 -4.33 -4.24 1.46
CA VAL B 63 -5.28 -5.29 1.77
C VAL B 63 -5.77 -5.87 0.44
N ALA B 64 -5.55 -7.17 0.24
CA ALA B 64 -6.04 -7.85 -0.97
C ALA B 64 -7.37 -8.38 -0.44
N TRP B 65 -8.47 -8.06 -1.11
CA TRP B 65 -9.80 -8.48 -0.65
C TRP B 65 -10.20 -9.93 -0.89
N LYS B 66 -9.44 -10.84 -0.30
CA LYS B 66 -9.72 -12.25 -0.42
C LYS B 66 -9.46 -12.91 0.94
N ASN B 67 -10.43 -13.69 1.41
CA ASN B 67 -10.28 -14.43 2.65
C ASN B 67 -11.06 -15.73 2.47
N ASN B 68 -11.35 -16.44 3.55
CA ASN B 68 -12.06 -17.71 3.44
C ASN B 68 -13.51 -17.61 2.94
N TYR B 69 -14.12 -16.44 3.09
CA TYR B 69 -15.51 -16.26 2.69
C TYR B 69 -15.74 -15.70 1.28
N ARG B 70 -14.91 -14.75 0.86
CA ARG B 70 -15.08 -14.15 -0.46
C ARG B 70 -13.77 -13.70 -1.09
N ASN B 71 -13.86 -13.34 -2.36
CA ASN B 71 -12.72 -12.82 -3.12
C ASN B 71 -13.31 -11.80 -4.10
N ALA B 72 -13.05 -10.52 -3.86
CA ALA B 72 -13.58 -9.48 -4.71
C ALA B 72 -12.62 -9.14 -5.86
N HIS B 73 -11.52 -9.89 -5.95
CA HIS B 73 -10.51 -9.68 -6.98
C HIS B 73 -10.10 -8.22 -7.07
N SER B 74 -9.59 -7.70 -5.97
CA SER B 74 -9.16 -6.32 -5.92
C SER B 74 -8.28 -6.10 -4.71
N ALA B 75 -7.66 -4.92 -4.67
CA ALA B 75 -6.76 -4.57 -3.57
C ALA B 75 -6.80 -3.07 -3.32
N THR B 76 -6.71 -2.70 -2.06
CA THR B 76 -6.71 -1.30 -1.66
C THR B 76 -5.39 -1.00 -0.93
N THR B 77 -4.83 0.17 -1.19
CA THR B 77 -3.63 0.61 -0.50
C THR B 77 -4.00 1.95 0.11
N TRP B 78 -3.64 2.14 1.38
CA TRP B 78 -3.92 3.39 2.07
C TRP B 78 -2.57 4.06 2.31
N SER B 79 -2.48 5.35 2.01
CA SER B 79 -1.25 6.09 2.21
C SER B 79 -1.60 7.36 2.98
N GLY B 80 -0.87 7.62 4.07
CA GLY B 80 -1.18 8.81 4.85
C GLY B 80 -0.22 9.06 5.98
N GLN B 81 -0.73 9.60 7.08
CA GLN B 81 0.14 9.88 8.21
C GLN B 81 -0.59 9.88 9.53
N TYR B 82 0.10 9.39 10.54
CA TYR B 82 -0.43 9.30 11.89
C TYR B 82 -0.11 10.60 12.63
N VAL B 83 -1.11 11.14 13.34
CA VAL B 83 -0.95 12.36 14.11
C VAL B 83 -1.33 12.06 15.55
N GLY B 84 -0.35 12.09 16.45
CA GLY B 84 -0.62 11.79 17.85
C GLY B 84 -1.16 12.95 18.65
N GLY B 85 -1.46 12.69 19.92
CA GLY B 85 -2.00 13.73 20.78
C GLY B 85 -3.18 13.24 21.59
N ALA B 86 -3.82 14.17 22.31
CA ALA B 86 -4.99 13.83 23.12
C ALA B 86 -6.00 13.03 22.30
N GLU B 87 -6.17 13.40 21.04
CA GLU B 87 -7.10 12.71 20.15
C GLU B 87 -6.39 12.34 18.84
N ALA B 88 -5.69 11.20 18.88
CA ALA B 88 -4.94 10.68 17.75
C ALA B 88 -5.82 10.38 16.54
N ARG B 89 -5.21 10.52 15.36
CA ARG B 89 -5.90 10.27 14.11
C ARG B 89 -4.94 9.80 13.02
N ILE B 90 -5.49 9.07 12.07
CA ILE B 90 -4.72 8.60 10.93
C ILE B 90 -5.46 9.12 9.71
N ASN B 91 -4.86 10.08 9.01
CA ASN B 91 -5.48 10.65 7.82
C ASN B 91 -4.89 9.96 6.58
N THR B 92 -5.75 9.38 5.75
CA THR B 92 -5.28 8.68 4.57
C THR B 92 -6.07 8.95 3.30
N GLN B 93 -5.48 8.51 2.19
CA GLN B 93 -6.09 8.58 0.88
C GLN B 93 -5.78 7.19 0.33
N TRP B 94 -6.76 6.58 -0.35
CA TRP B 94 -6.57 5.23 -0.84
C TRP B 94 -6.86 5.01 -2.32
N LEU B 95 -6.30 3.91 -2.83
CA LEU B 95 -6.47 3.49 -4.22
C LEU B 95 -6.98 2.06 -4.19
N LEU B 96 -8.14 1.86 -4.81
CA LEU B 96 -8.75 0.53 -4.86
C LEU B 96 -8.68 0.06 -6.31
N THR B 97 -7.80 -0.90 -6.60
CA THR B 97 -7.67 -1.43 -7.96
C THR B 97 -8.34 -2.80 -8.09
N SER B 98 -9.20 -2.94 -9.10
CA SER B 98 -9.88 -4.20 -9.35
C SER B 98 -9.17 -4.88 -10.52
N GLY B 99 -9.17 -6.20 -10.54
CA GLY B 99 -8.57 -6.91 -11.66
C GLY B 99 -9.53 -6.74 -12.82
N THR B 100 -9.03 -6.34 -13.98
CA THR B 100 -9.89 -6.15 -15.14
C THR B 100 -9.23 -6.61 -16.43
N THR B 101 -10.02 -6.63 -17.50
CA THR B 101 -9.50 -6.99 -18.80
C THR B 101 -8.79 -5.72 -19.26
N GLU B 102 -7.82 -5.86 -20.16
CA GLU B 102 -7.10 -4.68 -20.63
C GLU B 102 -8.02 -3.66 -21.30
N ALA B 103 -9.24 -4.06 -21.63
CA ALA B 103 -10.20 -3.18 -22.27
C ALA B 103 -10.94 -2.28 -21.27
N ASN B 104 -11.02 -2.73 -20.02
CA ASN B 104 -11.69 -1.97 -18.98
C ASN B 104 -10.68 -1.41 -17.99
N ALA B 105 -9.40 -1.52 -18.32
CA ALA B 105 -8.35 -1.04 -17.44
C ALA B 105 -8.44 0.44 -17.13
N TRP B 106 -9.12 1.22 -17.97
CA TRP B 106 -9.23 2.65 -17.73
C TRP B 106 -10.15 2.97 -16.54
N LYS B 107 -11.01 2.03 -16.16
CA LYS B 107 -11.92 2.24 -15.03
C LYS B 107 -11.70 1.22 -13.92
N SER B 108 -10.44 0.82 -13.74
CA SER B 108 -10.09 -0.18 -12.72
C SER B 108 -9.76 0.39 -11.34
N THR B 109 -9.42 1.68 -11.26
CA THR B 109 -9.01 2.23 -9.99
C THR B 109 -9.87 3.35 -9.38
N LEU B 110 -10.34 3.10 -8.15
CA LEU B 110 -11.13 4.08 -7.43
C LEU B 110 -10.19 4.80 -6.47
N VAL B 111 -10.51 6.04 -6.14
CA VAL B 111 -9.68 6.81 -5.23
C VAL B 111 -10.59 7.48 -4.19
N GLY B 112 -10.12 7.54 -2.96
CA GLY B 112 -10.89 8.15 -1.89
C GLY B 112 -10.01 8.50 -0.70
N HIS B 113 -10.64 8.88 0.41
CA HIS B 113 -9.91 9.24 1.61
C HIS B 113 -10.63 8.76 2.86
N ASP B 114 -9.88 8.21 3.81
CA ASP B 114 -10.45 7.74 5.07
C ASP B 114 -9.72 8.41 6.22
N THR B 115 -10.46 8.65 7.31
CA THR B 115 -9.88 9.26 8.51
C THR B 115 -10.18 8.27 9.64
N PHE B 116 -9.14 7.76 10.29
CA PHE B 116 -9.31 6.81 11.39
C PHE B 116 -9.08 7.45 12.76
N THR B 117 -9.91 7.06 13.73
CA THR B 117 -9.77 7.52 15.11
C THR B 117 -10.01 6.30 16.00
N LYS B 118 -9.74 6.45 17.29
CA LYS B 118 -9.92 5.35 18.24
C LYS B 118 -11.32 5.26 18.84
N VAL B 119 -12.24 6.10 18.36
CA VAL B 119 -13.61 6.11 18.86
C VAL B 119 -14.57 5.31 17.96
N LYS B 120 -15.03 4.18 18.47
CA LYS B 120 -15.93 3.30 17.72
C LYS B 120 -17.28 3.93 17.40
#